data_7DAJ
#
_entry.id   7DAJ
#
_cell.length_a   66.838
_cell.length_b   68.188
_cell.length_c   77.985
_cell.angle_alpha   90.000
_cell.angle_beta   90.000
_cell.angle_gamma   90.000
#
_symmetry.space_group_name_H-M   'P 21 21 21'
#
loop_
_entity.id
_entity.type
_entity.pdbx_description
1 polymer 'Serotonin N-acetyltransferase 1, chloroplastic'
2 non-polymer 'ACETYL COENZYME *A'
3 water water
#
_entity_poly.entity_id   1
_entity_poly.type   'polypeptide(L)'
_entity_poly.pdbx_seq_one_letter_code
;GPPLPEELVLLERTLADGSTEQIIFSSAGDVNVYDLQALCDKVGWPRRPLTKIAASLRNSYLVATLHSVTMPSKAEGEER
KQLIGMARATSDHAFNATIWDVLVDPSYQGQGLGKALMEKVIRTLLQRDISNITLFADNKVVDFYKNLGFEADPQGIKGM
FWYPRF
;
_entity_poly.pdbx_strand_id   A,B
#
# COMPACT_ATOMS: atom_id res chain seq x y z
N LEU A 4 16.99 3.85 -16.01
CA LEU A 4 17.62 4.82 -15.11
C LEU A 4 18.55 4.06 -14.19
N PRO A 5 19.80 4.52 -14.09
CA PRO A 5 20.80 3.74 -13.35
C PRO A 5 20.40 3.59 -11.89
N GLU A 6 20.98 2.56 -11.26
CA GLU A 6 20.67 2.28 -9.85
C GLU A 6 21.15 3.41 -8.96
N GLU A 7 22.36 3.90 -9.22
CA GLU A 7 23.02 4.92 -8.43
C GLU A 7 23.22 6.17 -9.29
N LEU A 8 22.97 7.34 -8.72
CA LEU A 8 23.25 8.61 -9.38
C LEU A 8 23.82 9.59 -8.38
N VAL A 9 24.74 10.43 -8.84
CA VAL A 9 25.24 11.55 -8.05
C VAL A 9 24.28 12.72 -8.28
N LEU A 10 23.57 13.13 -7.22
CA LEU A 10 22.64 14.23 -7.36
C LEU A 10 23.34 15.58 -7.31
N LEU A 11 24.50 15.63 -6.65
CA LEU A 11 25.09 16.90 -6.28
C LEU A 11 26.51 16.68 -5.80
N GLU A 12 27.41 17.60 -6.18
CA GLU A 12 28.75 17.71 -5.62
C GLU A 12 28.95 19.12 -5.14
N ARG A 13 29.55 19.28 -3.96
CA ARG A 13 29.90 20.59 -3.46
C ARG A 13 31.26 20.50 -2.77
N THR A 14 31.88 21.64 -2.75
CA THR A 14 33.15 21.76 -2.16
C THR A 14 32.97 22.18 -0.73
N LEU A 15 33.63 21.37 0.07
CA LEU A 15 33.80 21.41 1.49
C LEU A 15 34.65 20.16 1.82
N GLU A 21 32.51 16.53 -0.82
CA GLU A 21 31.25 15.83 -0.53
C GLU A 21 30.30 15.71 -1.72
N GLN A 22 29.79 14.51 -1.97
CA GLN A 22 28.70 14.35 -2.93
C GLN A 22 27.50 13.69 -2.26
N ILE A 23 26.32 13.97 -2.82
CA ILE A 23 25.05 13.40 -2.38
C ILE A 23 24.64 12.34 -3.39
N ILE A 24 24.56 11.07 -2.94
CA ILE A 24 24.34 9.92 -3.82
C ILE A 24 22.92 9.41 -3.66
N PHE A 25 22.20 9.28 -4.76
CA PHE A 25 20.93 8.58 -4.80
C PHE A 25 21.15 7.12 -5.20
N SER A 26 20.46 6.20 -4.51
CA SER A 26 20.47 4.80 -4.91
C SER A 26 19.09 4.17 -4.70
N SER A 27 18.76 3.24 -5.59
CA SER A 27 17.57 2.43 -5.49
C SER A 27 17.91 0.96 -5.23
N ALA A 28 19.13 0.67 -4.80
CA ALA A 28 19.54 -0.71 -4.59
C ALA A 28 19.04 -1.30 -3.28
N GLY A 29 18.59 -0.46 -2.35
CA GLY A 29 18.08 -0.97 -1.09
C GLY A 29 19.16 -1.17 -0.04
N ASP A 30 20.13 -0.29 -0.04
CA ASP A 30 21.29 -0.34 0.81
C ASP A 30 21.17 0.39 2.13
N VAL A 31 20.38 -0.14 3.03
CA VAL A 31 20.08 0.51 4.30
C VAL A 31 20.53 -0.40 5.45
N ASN A 32 21.37 0.15 6.33
CA ASN A 32 21.72 -0.49 7.59
C ASN A 32 20.71 -0.04 8.63
N VAL A 33 20.07 -1.00 9.30
CA VAL A 33 18.94 -0.68 10.17
C VAL A 33 19.36 0.16 11.36
N TYR A 34 20.63 0.07 11.79
CA TYR A 34 21.10 0.99 12.83
C TYR A 34 21.22 2.41 12.28
N ASP A 35 21.76 2.55 11.08
CA ASP A 35 21.79 3.87 10.45
C ASP A 35 20.39 4.44 10.36
N LEU A 36 19.45 3.64 9.86
CA LEU A 36 18.08 4.12 9.71
C LEU A 36 17.47 4.44 11.07
N GLN A 37 17.81 3.67 12.10
CA GLN A 37 17.32 3.97 13.44
C GLN A 37 17.86 5.30 13.94
N ALA A 38 19.15 5.55 13.76
CA ALA A 38 19.75 6.80 14.23
C ALA A 38 19.15 8.00 13.52
N LEU A 39 18.93 7.88 12.21
CA LEU A 39 18.26 8.93 11.46
C LEU A 39 16.83 9.14 11.95
N CYS A 40 16.10 8.05 12.15
CA CYS A 40 14.74 8.16 12.69
C CYS A 40 14.72 8.81 14.07
N ASP A 41 15.78 8.60 14.86
CA ASP A 41 15.87 9.25 16.17
C ASP A 41 16.00 10.75 16.05
N LYS A 42 16.71 11.24 15.02
CA LYS A 42 16.90 12.68 14.87
C LYS A 42 15.56 13.40 14.70
N VAL A 43 14.65 12.84 13.93
CA VAL A 43 13.32 13.41 13.76
C VAL A 43 12.39 12.87 14.87
N GLY A 44 12.98 12.27 15.90
CA GLY A 44 12.24 11.90 17.08
C GLY A 44 11.21 10.80 16.93
N TRP A 45 11.29 10.01 15.85
CA TRP A 45 10.38 8.89 15.68
C TRP A 45 10.67 7.82 16.74
N PRO A 46 9.63 7.27 17.36
CA PRO A 46 9.86 6.22 18.37
C PRO A 46 10.43 4.96 17.74
N ARG A 47 11.31 4.31 18.50
CA ARG A 47 12.03 3.14 18.05
C ARG A 47 11.11 1.95 17.92
N ARG A 48 11.41 1.10 16.94
CA ARG A 48 10.71 -0.12 16.65
C ARG A 48 11.76 -1.21 16.50
N PRO A 49 11.41 -2.47 16.76
CA PRO A 49 12.44 -3.51 16.80
C PRO A 49 13.19 -3.58 15.49
N LEU A 50 14.52 -3.58 15.61
CA LEU A 50 15.40 -3.65 14.46
C LEU A 50 15.00 -4.75 13.50
N THR A 51 14.57 -5.91 14.03
CA THR A 51 14.20 -7.02 13.15
C THR A 51 12.94 -6.69 12.36
N LYS A 52 12.04 -5.92 12.95
CA LYS A 52 10.84 -5.53 12.22
C LYS A 52 11.15 -4.45 11.19
N ILE A 53 12.02 -3.50 11.50
CA ILE A 53 12.52 -2.56 10.50
C ILE A 53 13.14 -3.31 9.35
N ALA A 54 13.92 -4.36 9.65
CA ALA A 54 14.60 -5.13 8.61
C ALA A 54 13.59 -5.83 7.73
N ALA A 55 12.59 -6.47 8.35
CA ALA A 55 11.54 -7.15 7.60
C ALA A 55 10.79 -6.17 6.71
N SER A 56 10.48 -4.98 7.24
CA SER A 56 9.77 -3.99 6.44
C SER A 56 10.60 -3.56 5.25
N LEU A 57 11.94 -3.49 5.39
CA LEU A 57 12.77 -3.08 4.27
C LEU A 57 12.85 -4.16 3.20
N ARG A 58 13.03 -5.42 3.57
CA ARG A 58 13.16 -6.39 2.49
C ARG A 58 11.83 -6.72 1.82
N ASN A 59 10.71 -6.39 2.46
CA ASN A 59 9.41 -6.54 1.83
C ASN A 59 8.91 -5.23 1.23
N SER A 60 9.80 -4.27 1.01
CA SER A 60 9.47 -3.06 0.26
C SER A 60 9.89 -3.24 -1.19
N TYR A 61 8.94 -3.08 -2.11
CA TYR A 61 9.26 -3.09 -3.53
C TYR A 61 10.40 -2.14 -3.88
N LEU A 62 10.39 -0.93 -3.31
CA LEU A 62 11.43 0.06 -3.57
C LEU A 62 11.95 0.61 -2.24
N VAL A 63 13.26 0.55 -2.05
CA VAL A 63 13.96 1.25 -0.98
C VAL A 63 14.93 2.21 -1.67
N ALA A 64 14.74 3.51 -1.45
CA ALA A 64 15.59 4.51 -2.06
C ALA A 64 16.34 5.29 -0.98
N THR A 65 17.62 5.57 -1.24
CA THR A 65 18.49 6.19 -0.25
C THR A 65 19.16 7.45 -0.78
N LEU A 66 19.41 8.37 0.14
CA LEU A 66 20.40 9.42 -0.02
C LEU A 66 21.55 9.14 0.93
N HIS A 67 22.76 9.14 0.40
CA HIS A 67 23.98 9.04 1.19
C HIS A 67 24.88 10.25 0.96
N SER A 68 25.63 10.61 2.00
CA SER A 68 26.70 11.61 1.93
C SER A 68 28.02 10.86 1.92
N VAL A 69 28.77 10.98 0.82
CA VAL A 69 30.09 10.36 0.68
C VAL A 69 31.14 11.47 0.58
N THR A 70 32.16 11.38 1.42
CA THR A 70 33.27 12.34 1.38
C THR A 70 34.55 11.69 0.83
N LYS A 81 30.42 6.72 3.49
CA LYS A 81 28.97 6.74 3.36
C LYS A 81 28.28 7.11 4.67
N GLN A 82 27.42 8.11 4.62
CA GLN A 82 26.56 8.47 5.74
C GLN A 82 25.13 8.53 5.22
N LEU A 83 24.25 7.72 5.80
CA LEU A 83 22.84 7.73 5.43
C LEU A 83 22.21 9.06 5.85
N ILE A 84 21.71 9.81 4.87
CA ILE A 84 21.10 11.11 5.14
C ILE A 84 19.66 11.21 4.66
N GLY A 85 19.16 10.22 3.91
CA GLY A 85 17.77 10.26 3.50
C GLY A 85 17.30 8.91 3.02
N MET A 86 15.99 8.75 2.96
CA MET A 86 15.43 7.47 2.55
C MET A 86 13.95 7.65 2.23
N ALA A 87 13.48 6.84 1.30
CA ALA A 87 12.06 6.66 1.05
C ALA A 87 11.85 5.22 0.63
N ARG A 88 10.69 4.65 0.95
CA ARG A 88 10.41 3.29 0.51
C ARG A 88 8.97 3.18 0.03
N ALA A 89 8.69 2.12 -0.71
CA ALA A 89 7.35 1.90 -1.22
C ALA A 89 6.97 0.42 -1.20
N THR A 90 5.80 0.13 -0.65
CA THR A 90 5.17 -1.15 -0.92
C THR A 90 4.46 -1.06 -2.26
N SER A 91 4.13 -2.21 -2.83
CA SER A 91 3.58 -2.27 -4.17
C SER A 91 3.13 -3.69 -4.45
N ASP A 92 2.20 -3.83 -5.39
CA ASP A 92 1.86 -5.15 -5.90
C ASP A 92 2.59 -5.48 -7.20
N HIS A 93 3.60 -4.69 -7.57
CA HIS A 93 4.42 -4.90 -8.78
C HIS A 93 3.63 -4.81 -10.07
N ALA A 94 2.44 -4.19 -10.08
CA ALA A 94 1.69 -4.11 -11.33
C ALA A 94 0.84 -2.85 -11.41
N PHE A 95 0.07 -2.54 -10.38
CA PHE A 95 -0.84 -1.40 -10.44
C PHE A 95 -0.52 -0.31 -9.45
N ASN A 96 -0.23 -0.66 -8.18
CA ASN A 96 -0.18 0.27 -7.07
C ASN A 96 1.19 0.24 -6.40
N ALA A 97 1.63 1.41 -5.97
CA ALA A 97 2.67 1.53 -4.96
C ALA A 97 2.19 2.54 -3.93
N THR A 98 2.57 2.32 -2.66
CA THR A 98 2.30 3.27 -1.58
C THR A 98 3.63 3.65 -0.94
N ILE A 99 3.90 4.95 -0.82
CA ILE A 99 5.22 5.40 -0.35
C ILE A 99 5.16 5.67 1.14
N TRP A 100 6.19 5.21 1.87
CA TRP A 100 6.24 5.31 3.33
C TRP A 100 7.61 5.86 3.77
N ASP A 101 7.64 6.35 5.00
CA ASP A 101 8.89 6.72 5.71
C ASP A 101 9.82 7.60 4.88
N VAL A 102 9.33 8.71 4.36
CA VAL A 102 10.17 9.61 3.62
C VAL A 102 10.96 10.43 4.61
N LEU A 103 12.26 10.46 4.47
CA LEU A 103 13.05 11.10 5.48
C LEU A 103 14.34 11.72 5.07
N VAL A 104 14.56 12.94 5.49
CA VAL A 104 15.83 13.54 5.28
C VAL A 104 16.33 14.02 6.63
N ASP A 105 17.60 13.71 6.93
CA ASP A 105 18.40 14.20 8.04
C ASP A 105 18.14 15.69 8.21
N PRO A 106 17.78 16.16 9.41
CA PRO A 106 17.51 17.61 9.58
C PRO A 106 18.68 18.49 9.17
N SER A 107 19.93 18.02 9.36
CA SER A 107 21.12 18.72 8.93
C SER A 107 21.15 18.95 7.43
N TYR A 108 20.36 18.19 6.66
CA TYR A 108 20.40 18.26 5.21
C TYR A 108 19.06 18.72 4.63
N GLN A 109 18.10 19.09 5.47
CA GLN A 109 16.83 19.60 5.00
C GLN A 109 16.98 21.03 4.50
N GLY A 110 16.02 21.46 3.69
CA GLY A 110 16.01 22.80 3.13
C GLY A 110 16.95 23.01 1.97
N GLN A 111 17.52 21.94 1.45
CA GLN A 111 18.48 22.01 0.36
C GLN A 111 17.96 21.38 -0.92
N GLY A 112 16.69 21.03 -0.97
CA GLY A 112 16.18 20.41 -2.17
C GLY A 112 16.39 18.92 -2.26
N LEU A 113 16.97 18.29 -1.24
CA LEU A 113 17.30 16.86 -1.33
C LEU A 113 16.06 16.01 -1.19
N GLY A 114 15.13 16.42 -0.33
CA GLY A 114 13.88 15.68 -0.20
C GLY A 114 13.08 15.66 -1.49
N LYS A 115 13.01 16.81 -2.16
CA LYS A 115 12.39 16.84 -3.49
C LYS A 115 13.15 15.95 -4.46
N ALA A 116 14.48 16.05 -4.48
CA ALA A 116 15.23 15.26 -5.44
C ALA A 116 15.06 13.76 -5.20
N LEU A 117 15.02 13.35 -3.92
CA LEU A 117 14.74 11.96 -3.60
C LEU A 117 13.39 11.51 -4.16
N MET A 118 12.34 12.30 -3.90
CA MET A 118 10.98 11.93 -4.32
C MET A 118 10.85 11.89 -5.84
N GLU A 119 11.54 12.77 -6.56
CA GLU A 119 11.51 12.71 -8.02
C GLU A 119 12.07 11.38 -8.51
N LYS A 120 13.25 10.99 -8.04
CA LYS A 120 13.82 9.72 -8.47
C LYS A 120 12.94 8.54 -8.04
N VAL A 121 12.30 8.66 -6.88
CA VAL A 121 11.37 7.61 -6.46
C VAL A 121 10.21 7.51 -7.45
N ILE A 122 9.59 8.64 -7.77
CA ILE A 122 8.44 8.61 -8.66
C ILE A 122 8.86 8.09 -10.01
N ARG A 123 10.01 8.54 -10.49
CA ARG A 123 10.47 8.12 -11.81
C ARG A 123 10.79 6.63 -11.84
N THR A 124 11.36 6.10 -10.76
CA THR A 124 11.64 4.67 -10.76
C THR A 124 10.35 3.86 -10.81
N LEU A 125 9.33 4.30 -10.06
CA LEU A 125 8.06 3.58 -10.08
C LEU A 125 7.41 3.63 -11.47
N LEU A 126 7.45 4.80 -12.12
CA LEU A 126 6.87 4.92 -13.46
C LEU A 126 7.63 4.08 -14.48
N GLN A 127 8.97 4.07 -14.36
CA GLN A 127 9.77 3.17 -15.17
C GLN A 127 9.34 1.71 -15.00
N ARG A 128 8.92 1.32 -13.80
CA ARG A 128 8.48 -0.04 -13.55
C ARG A 128 7.01 -0.26 -13.90
N ASP A 129 6.39 0.71 -14.61
CA ASP A 129 5.00 0.60 -15.07
C ASP A 129 4.01 0.53 -13.91
N ILE A 130 4.32 1.16 -12.78
CA ILE A 130 3.35 1.35 -11.70
C ILE A 130 2.64 2.67 -11.96
N SER A 131 1.36 2.63 -12.31
CA SER A 131 0.68 3.88 -12.69
C SER A 131 -0.08 4.54 -11.56
N ASN A 132 -0.35 3.83 -10.46
CA ASN A 132 -1.07 4.41 -9.34
C ASN A 132 -0.10 4.51 -8.17
N ILE A 133 0.42 5.72 -7.97
CA ILE A 133 1.42 6.02 -6.96
C ILE A 133 0.76 6.85 -5.89
N THR A 134 0.74 6.32 -4.65
CA THR A 134 -0.02 6.88 -3.55
C THR A 134 0.85 7.04 -2.31
N LEU A 135 0.33 7.77 -1.32
CA LEU A 135 0.96 7.93 -0.02
C LEU A 135 -0.07 8.49 0.95
N PHE A 136 0.25 8.41 2.25
CA PHE A 136 -0.54 9.06 3.30
C PHE A 136 0.31 10.17 3.90
N ALA A 137 -0.13 11.42 3.69
CA ALA A 137 0.68 12.58 4.03
C ALA A 137 0.19 13.19 5.34
N ASP A 138 1.12 13.43 6.25
CA ASP A 138 0.82 14.21 7.44
C ASP A 138 0.45 15.63 7.01
N ASN A 139 -0.49 16.24 7.77
CA ASN A 139 -0.95 17.59 7.45
C ASN A 139 0.23 18.55 7.24
N LYS A 140 1.26 18.43 8.07
CA LYS A 140 2.42 19.31 8.00
C LYS A 140 3.15 19.25 6.66
N VAL A 141 3.01 18.15 5.91
CA VAL A 141 3.80 17.94 4.70
C VAL A 141 2.94 17.79 3.45
N VAL A 142 1.64 18.04 3.58
CA VAL A 142 0.73 17.92 2.44
C VAL A 142 1.21 18.75 1.26
N ASP A 143 1.56 20.02 1.52
CA ASP A 143 1.95 20.93 0.45
C ASP A 143 3.27 20.54 -0.19
N PHE A 144 4.16 19.91 0.58
CA PHE A 144 5.38 19.38 0.01
C PHE A 144 5.06 18.36 -1.09
N TYR A 145 4.04 17.55 -0.89
CA TYR A 145 3.73 16.54 -1.90
C TYR A 145 2.93 17.13 -3.06
N LYS A 146 2.01 18.06 -2.77
CA LYS A 146 1.30 18.78 -3.82
C LYS A 146 2.28 19.44 -4.80
N ASN A 147 3.29 20.11 -4.25
CA ASN A 147 4.32 20.71 -5.07
C ASN A 147 4.95 19.70 -6.04
N LEU A 148 5.17 18.46 -5.59
CA LEU A 148 5.68 17.38 -6.42
C LEU A 148 4.61 16.80 -7.36
N GLY A 149 3.37 17.26 -7.29
CA GLY A 149 2.34 16.72 -8.17
C GLY A 149 1.39 15.71 -7.56
N PHE A 150 1.45 15.49 -6.25
CA PHE A 150 0.45 14.65 -5.62
C PHE A 150 -0.82 15.45 -5.39
N GLU A 151 -1.95 14.77 -5.44
CA GLU A 151 -3.24 15.41 -5.25
C GLU A 151 -3.99 14.69 -4.15
N ALA A 152 -4.43 15.46 -3.14
CA ALA A 152 -5.27 14.93 -2.08
C ALA A 152 -6.69 14.74 -2.58
N ASP A 153 -7.34 13.69 -2.08
CA ASP A 153 -8.75 13.38 -2.30
C ASP A 153 -9.22 13.61 -3.73
N PRO A 154 -8.58 13.04 -4.76
CA PRO A 154 -9.08 13.23 -6.12
C PRO A 154 -10.46 12.60 -6.25
N GLN A 155 -11.41 13.39 -6.73
CA GLN A 155 -12.80 12.92 -6.90
C GLN A 155 -13.40 12.47 -5.57
N GLY A 156 -12.94 13.05 -4.48
CA GLY A 156 -13.47 12.68 -3.18
C GLY A 156 -12.97 11.38 -2.60
N ILE A 157 -11.95 10.75 -3.19
CA ILE A 157 -11.41 9.52 -2.60
C ILE A 157 -10.76 9.87 -1.27
N LYS A 158 -10.98 9.01 -0.27
CA LYS A 158 -10.50 9.25 1.08
C LYS A 158 -9.49 8.19 1.50
N GLY A 159 -8.38 8.64 2.09
CA GLY A 159 -7.46 7.71 2.76
C GLY A 159 -7.98 7.38 4.14
N MET A 160 -8.08 6.07 4.44
CA MET A 160 -8.74 5.61 5.66
C MET A 160 -7.88 4.62 6.42
N PHE A 161 -8.01 4.66 7.76
CA PHE A 161 -7.25 3.87 8.71
C PHE A 161 -8.19 3.10 9.65
N TRP A 162 -7.88 1.83 9.88
CA TRP A 162 -8.68 1.03 10.83
C TRP A 162 -8.20 1.32 12.24
N TYR A 163 -9.06 2.00 13.04
CA TYR A 163 -8.78 2.40 14.42
C TYR A 163 -7.33 2.79 14.66
N PRO A 164 -6.85 3.89 14.06
CA PRO A 164 -5.44 4.26 14.21
C PRO A 164 -5.16 4.77 15.63
N ARG A 165 -3.91 4.60 16.06
CA ARG A 165 -3.44 5.04 17.37
C ARG A 165 -2.70 6.38 17.33
N PHE A 166 -3.04 7.29 16.42
CA PHE A 166 -2.29 8.55 16.25
C PHE A 166 -2.68 9.61 17.27
N LEU B 4 -8.35 -17.77 13.73
CA LEU B 4 -9.08 -17.79 12.47
C LEU B 4 -8.38 -18.64 11.40
N PRO B 5 -9.08 -19.64 10.89
CA PRO B 5 -8.47 -20.59 9.94
C PRO B 5 -8.28 -19.99 8.55
N GLU B 6 -7.58 -20.76 7.71
CA GLU B 6 -7.37 -20.36 6.32
C GLU B 6 -8.68 -20.34 5.54
N GLU B 7 -9.55 -21.34 5.74
CA GLU B 7 -10.74 -21.55 4.93
C GLU B 7 -11.94 -21.72 5.86
N LEU B 8 -13.09 -21.22 5.42
CA LEU B 8 -14.17 -20.86 6.34
C LEU B 8 -15.52 -20.91 5.64
N VAL B 9 -16.48 -21.67 6.19
CA VAL B 9 -17.86 -21.59 5.74
C VAL B 9 -18.53 -20.41 6.43
N LEU B 10 -18.77 -19.33 5.69
CA LEU B 10 -19.44 -18.18 6.29
C LEU B 10 -20.93 -18.41 6.44
N LEU B 11 -21.53 -19.21 5.56
CA LEU B 11 -22.97 -19.25 5.49
C LEU B 11 -23.37 -20.47 4.68
N GLU B 12 -24.46 -21.11 5.08
CA GLU B 12 -25.10 -22.16 4.30
C GLU B 12 -26.60 -21.91 4.27
N ARG B 13 -27.18 -21.97 3.07
CA ARG B 13 -28.55 -21.57 2.82
C ARG B 13 -29.12 -22.42 1.69
N THR B 14 -30.40 -22.21 1.40
CA THR B 14 -31.09 -23.02 0.42
C THR B 14 -32.00 -22.15 -0.44
N LEU B 15 -32.37 -22.67 -1.62
CA LEU B 15 -33.34 -22.02 -2.51
C LEU B 15 -34.11 -23.05 -3.33
N SER B 19 -32.28 -26.59 -3.09
CA SER B 19 -30.88 -26.48 -3.50
C SER B 19 -30.03 -25.82 -2.43
N THR B 20 -28.83 -26.37 -2.17
CA THR B 20 -27.98 -25.92 -1.06
C THR B 20 -26.77 -25.13 -1.55
N GLU B 21 -26.58 -23.93 -1.01
CA GLU B 21 -25.44 -23.08 -1.30
C GLU B 21 -24.65 -22.80 -0.02
N GLN B 22 -23.33 -22.92 -0.12
CA GLN B 22 -22.39 -22.43 0.88
C GLN B 22 -21.58 -21.28 0.30
N ILE B 23 -21.38 -20.22 1.10
CA ILE B 23 -20.41 -19.18 0.81
C ILE B 23 -19.16 -19.47 1.64
N ILE B 24 -18.01 -19.62 0.96
CA ILE B 24 -16.75 -20.04 1.57
C ILE B 24 -15.76 -18.88 1.51
N PHE B 25 -15.15 -18.55 2.65
CA PHE B 25 -14.05 -17.61 2.74
C PHE B 25 -12.73 -18.34 2.69
N SER B 26 -11.75 -17.76 2.01
CA SER B 26 -10.41 -18.33 2.03
C SER B 26 -9.36 -17.24 1.88
N SER B 27 -8.32 -17.31 2.70
CA SER B 27 -7.11 -16.50 2.56
C SER B 27 -5.95 -17.31 2.01
N ALA B 28 -6.23 -18.42 1.41
CA ALA B 28 -5.17 -19.22 0.88
C ALA B 28 -4.58 -18.48 -0.27
N GLY B 29 -5.41 -17.84 -1.06
CA GLY B 29 -4.89 -17.09 -2.14
C GLY B 29 -4.77 -17.80 -3.44
N ASP B 30 -5.47 -18.90 -3.58
CA ASP B 30 -5.44 -19.71 -4.78
C ASP B 30 -6.48 -19.26 -5.80
N VAL B 31 -6.51 -18.01 -6.17
CA VAL B 31 -7.52 -17.58 -7.09
C VAL B 31 -7.26 -17.94 -8.50
N ASN B 32 -8.28 -18.35 -9.20
CA ASN B 32 -8.12 -18.53 -10.63
C ASN B 32 -8.19 -17.17 -11.29
N VAL B 33 -7.11 -16.79 -11.97
CA VAL B 33 -7.02 -15.46 -12.55
C VAL B 33 -8.06 -15.25 -13.64
N TYR B 34 -8.52 -16.33 -14.29
CA TYR B 34 -9.51 -16.17 -15.35
C TYR B 34 -10.90 -15.90 -14.78
N ASP B 35 -11.27 -16.59 -13.69
CA ASP B 35 -12.51 -16.24 -12.99
C ASP B 35 -12.43 -14.83 -12.42
N LEU B 36 -11.28 -14.48 -11.81
CA LEU B 36 -11.13 -13.12 -11.28
C LEU B 36 -11.24 -12.07 -12.39
N GLN B 37 -10.78 -12.42 -13.57
CA GLN B 37 -10.89 -11.54 -14.71
C GLN B 37 -12.35 -11.36 -15.09
N ALA B 38 -13.14 -12.41 -15.12
CA ALA B 38 -14.57 -12.29 -15.41
C ALA B 38 -15.31 -11.58 -14.29
N LEU B 39 -14.95 -11.85 -13.04
CA LEU B 39 -15.55 -11.15 -11.92
C LEU B 39 -15.29 -9.65 -12.01
N CYS B 40 -14.05 -9.27 -12.30
CA CYS B 40 -13.73 -7.86 -12.52
C CYS B 40 -14.61 -7.26 -13.61
N ASP B 41 -14.82 -8.03 -14.69
CA ASP B 41 -15.65 -7.55 -15.80
C ASP B 41 -17.11 -7.42 -15.39
N LYS B 42 -17.60 -8.35 -14.63
CA LYS B 42 -18.96 -8.35 -14.22
C LYS B 42 -19.38 -7.15 -13.42
N VAL B 43 -18.48 -6.58 -12.66
CA VAL B 43 -18.83 -5.44 -11.84
C VAL B 43 -18.54 -4.12 -12.51
N GLY B 44 -18.11 -4.19 -13.75
CA GLY B 44 -17.83 -3.00 -14.50
C GLY B 44 -16.51 -2.33 -14.32
N TRP B 45 -15.44 -3.09 -14.39
CA TRP B 45 -14.09 -2.56 -14.29
C TRP B 45 -13.46 -2.90 -15.62
N PRO B 46 -12.70 -2.00 -16.21
CA PRO B 46 -12.13 -2.31 -17.51
C PRO B 46 -11.20 -3.49 -17.59
N ARG B 47 -11.09 -4.08 -18.77
CA ARG B 47 -10.21 -5.23 -18.95
C ARG B 47 -8.76 -4.84 -18.65
N ARG B 48 -8.13 -5.55 -17.73
CA ARG B 48 -6.71 -5.38 -17.52
C ARG B 48 -5.96 -6.58 -18.07
N PRO B 49 -4.71 -6.40 -18.50
CA PRO B 49 -3.96 -7.53 -19.04
C PRO B 49 -3.80 -8.63 -18.01
N LEU B 50 -3.98 -9.87 -18.47
CA LEU B 50 -3.87 -11.02 -17.58
C LEU B 50 -2.53 -11.04 -16.86
N THR B 51 -1.45 -10.75 -17.57
CA THR B 51 -0.11 -10.78 -16.99
C THR B 51 0.02 -9.79 -15.82
N LYS B 52 -0.64 -8.64 -15.88
CA LYS B 52 -0.51 -7.68 -14.79
C LYS B 52 -1.40 -8.05 -13.62
N ILE B 53 -2.55 -8.67 -13.88
CA ILE B 53 -3.44 -9.08 -12.79
C ILE B 53 -2.79 -10.21 -11.99
N ALA B 54 -2.22 -11.19 -12.69
CA ALA B 54 -1.53 -12.28 -12.02
C ALA B 54 -0.34 -11.78 -11.22
N ALA B 55 0.46 -10.87 -11.81
CA ALA B 55 1.56 -10.29 -11.05
C ALA B 55 1.04 -9.58 -9.81
N SER B 56 -0.10 -8.89 -9.92
CA SER B 56 -0.64 -8.20 -8.75
C SER B 56 -1.08 -9.18 -7.67
N LEU B 57 -1.57 -10.36 -8.08
CA LEU B 57 -1.96 -11.39 -7.11
C LEU B 57 -0.73 -11.95 -6.39
N ARG B 58 0.31 -12.31 -7.15
CA ARG B 58 1.48 -12.98 -6.58
C ARG B 58 2.20 -12.10 -5.57
N ASN B 59 2.18 -10.79 -5.79
CA ASN B 59 2.88 -9.82 -4.96
C ASN B 59 1.94 -9.14 -3.98
N SER B 60 0.72 -9.64 -3.83
CA SER B 60 -0.19 -9.20 -2.78
C SER B 60 0.05 -10.07 -1.55
N TYR B 61 0.42 -9.42 -0.45
CA TYR B 61 0.60 -10.10 0.83
C TYR B 61 -0.61 -10.94 1.25
N LEU B 62 -1.80 -10.46 0.96
CA LEU B 62 -3.02 -11.16 1.33
C LEU B 62 -3.93 -11.19 0.13
N VAL B 63 -4.45 -12.37 -0.18
CA VAL B 63 -5.49 -12.48 -1.19
C VAL B 63 -6.61 -13.27 -0.54
N ALA B 64 -7.77 -12.65 -0.43
CA ALA B 64 -8.92 -13.25 0.23
C ALA B 64 -10.03 -13.40 -0.79
N THR B 65 -10.74 -14.52 -0.74
CA THR B 65 -11.80 -14.80 -1.70
C THR B 65 -13.07 -15.18 -0.99
N LEU B 66 -14.18 -14.98 -1.70
CA LEU B 66 -15.43 -15.64 -1.39
C LEU B 66 -15.80 -16.51 -2.57
N HIS B 67 -16.26 -17.72 -2.29
CA HIS B 67 -16.73 -18.64 -3.32
C HIS B 67 -18.13 -19.13 -2.98
N SER B 68 -18.93 -19.38 -4.02
CA SER B 68 -20.20 -20.07 -3.89
C SER B 68 -20.03 -21.52 -4.33
N VAL B 69 -20.33 -22.44 -3.44
CA VAL B 69 -20.36 -23.87 -3.73
C VAL B 69 -21.81 -24.32 -3.70
N THR B 70 -22.29 -24.88 -4.81
CA THR B 70 -23.61 -25.50 -4.85
C THR B 70 -23.52 -26.99 -5.19
N LYS B 81 -18.58 -24.51 -7.75
CA LYS B 81 -17.69 -23.54 -7.14
C LYS B 81 -17.48 -22.33 -8.06
N GLN B 82 -17.85 -21.17 -7.55
CA GLN B 82 -17.83 -19.95 -8.29
C GLN B 82 -17.26 -18.81 -7.48
N LEU B 83 -16.33 -18.08 -8.03
CA LEU B 83 -15.74 -16.94 -7.35
C LEU B 83 -16.73 -15.78 -7.37
N ILE B 84 -17.00 -15.19 -6.21
CA ILE B 84 -18.06 -14.20 -6.13
C ILE B 84 -17.53 -12.95 -5.43
N GLY B 85 -16.36 -13.07 -4.80
CA GLY B 85 -15.76 -11.96 -4.09
C GLY B 85 -14.26 -12.07 -3.98
N MET B 86 -13.62 -10.92 -3.85
CA MET B 86 -12.18 -10.88 -3.67
C MET B 86 -11.79 -9.60 -2.94
N ALA B 87 -10.78 -9.70 -2.09
CA ALA B 87 -10.10 -8.54 -1.52
C ALA B 87 -8.62 -8.90 -1.39
N ARG B 88 -7.75 -7.91 -1.61
CA ARG B 88 -6.34 -8.14 -1.41
C ARG B 88 -5.70 -6.96 -0.71
N ALA B 89 -4.49 -7.19 -0.23
CA ALA B 89 -3.72 -6.18 0.47
C ALA B 89 -2.26 -6.31 0.07
N THR B 90 -1.61 -5.17 -0.17
CA THR B 90 -0.16 -5.10 -0.16
C THR B 90 0.30 -4.82 1.27
N SER B 91 1.58 -5.11 1.54
CA SER B 91 2.10 -4.95 2.89
C SER B 91 3.62 -4.95 2.84
N ASP B 92 4.23 -4.36 3.87
CA ASP B 92 5.64 -4.52 4.13
C ASP B 92 5.90 -5.63 5.17
N HIS B 93 4.90 -6.45 5.45
CA HIS B 93 4.95 -7.62 6.33
C HIS B 93 5.21 -7.25 7.79
N ALA B 94 5.39 -5.98 8.13
CA ALA B 94 5.75 -5.66 9.50
C ALA B 94 4.84 -4.59 10.07
N PHE B 95 4.71 -3.46 9.38
CA PHE B 95 4.08 -2.27 9.92
C PHE B 95 2.77 -1.89 9.22
N ASN B 96 2.74 -1.97 7.89
CA ASN B 96 1.68 -1.40 7.06
C ASN B 96 1.06 -2.45 6.15
N ALA B 97 -0.25 -2.38 5.99
CA ALA B 97 -0.93 -3.01 4.86
C ALA B 97 -1.91 -2.03 4.23
N THR B 98 -2.05 -2.09 2.90
CA THR B 98 -3.05 -1.32 2.17
C THR B 98 -3.95 -2.28 1.41
N ILE B 99 -5.26 -2.15 1.60
CA ILE B 99 -6.23 -3.06 1.01
C ILE B 99 -6.65 -2.49 -0.34
N TRP B 100 -6.67 -3.35 -1.38
CA TRP B 100 -7.07 -2.94 -2.73
C TRP B 100 -8.12 -3.91 -3.29
N ASP B 101 -8.86 -3.42 -4.28
CA ASP B 101 -9.66 -4.28 -5.17
C ASP B 101 -10.70 -5.10 -4.41
N VAL B 102 -11.41 -4.47 -3.47
CA VAL B 102 -12.53 -5.11 -2.81
C VAL B 102 -13.73 -5.15 -3.75
N LEU B 103 -14.23 -6.35 -4.06
CA LEU B 103 -15.38 -6.41 -4.94
C LEU B 103 -16.20 -7.67 -4.66
N VAL B 104 -17.51 -7.53 -4.82
CA VAL B 104 -18.46 -8.62 -4.68
C VAL B 104 -19.31 -8.67 -5.95
N ASP B 105 -19.51 -9.88 -6.47
CA ASP B 105 -20.39 -10.09 -7.61
C ASP B 105 -21.73 -9.41 -7.37
N PRO B 106 -22.20 -8.56 -8.29
CA PRO B 106 -23.45 -7.82 -8.07
C PRO B 106 -24.65 -8.68 -7.72
N SER B 107 -24.71 -9.92 -8.22
CA SER B 107 -25.78 -10.82 -7.84
C SER B 107 -25.70 -11.24 -6.37
N TYR B 108 -24.60 -10.96 -5.69
CA TYR B 108 -24.43 -11.36 -4.30
C TYR B 108 -24.26 -10.14 -3.38
N GLN B 109 -24.47 -8.94 -3.90
CA GLN B 109 -24.35 -7.72 -3.11
C GLN B 109 -25.62 -7.49 -2.29
N GLY B 110 -25.47 -6.69 -1.24
CA GLY B 110 -26.60 -6.44 -0.36
C GLY B 110 -26.98 -7.61 0.52
N GLN B 111 -26.09 -8.57 0.72
CA GLN B 111 -26.37 -9.76 1.54
C GLN B 111 -25.49 -9.84 2.77
N GLY B 112 -24.69 -8.83 3.06
CA GLY B 112 -23.73 -8.89 4.13
C GLY B 112 -22.39 -9.51 3.76
N LEU B 113 -22.20 -9.90 2.50
CA LEU B 113 -21.02 -10.68 2.17
C LEU B 113 -19.77 -9.80 2.13
N GLY B 114 -19.87 -8.59 1.56
CA GLY B 114 -18.72 -7.69 1.55
C GLY B 114 -18.23 -7.34 2.95
N LYS B 115 -19.18 -7.05 3.85
CA LYS B 115 -18.84 -6.86 5.25
C LYS B 115 -18.12 -8.09 5.81
N ALA B 116 -18.69 -9.27 5.61
CA ALA B 116 -18.05 -10.48 6.15
C ALA B 116 -16.66 -10.69 5.55
N LEU B 117 -16.51 -10.42 4.25
CA LEU B 117 -15.19 -10.53 3.62
C LEU B 117 -14.19 -9.56 4.28
N MET B 118 -14.60 -8.31 4.49
CA MET B 118 -13.68 -7.32 5.02
C MET B 118 -13.31 -7.62 6.48
N GLU B 119 -14.29 -8.09 7.25
CA GLU B 119 -14.03 -8.47 8.64
C GLU B 119 -12.97 -9.57 8.72
N LYS B 120 -13.10 -10.59 7.87
CA LYS B 120 -12.09 -11.65 7.85
C LYS B 120 -10.75 -11.12 7.38
N VAL B 121 -10.75 -10.19 6.42
CA VAL B 121 -9.49 -9.59 5.97
C VAL B 121 -8.83 -8.84 7.11
N ILE B 122 -9.60 -8.00 7.80
CA ILE B 122 -9.01 -7.21 8.89
C ILE B 122 -8.44 -8.13 9.96
N ARG B 123 -9.21 -9.15 10.33
CA ARG B 123 -8.74 -10.08 11.37
C ARG B 123 -7.47 -10.80 10.94
N THR B 124 -7.38 -11.19 9.67
CA THR B 124 -6.18 -11.86 9.17
C THR B 124 -4.97 -10.95 9.30
N LEU B 125 -5.10 -9.69 8.86
CA LEU B 125 -4.00 -8.74 8.97
C LEU B 125 -3.62 -8.50 10.42
N LEU B 126 -4.60 -8.46 11.31
CA LEU B 126 -4.28 -8.28 12.72
C LEU B 126 -3.56 -9.49 13.29
N GLN B 127 -4.00 -10.70 12.90
CA GLN B 127 -3.31 -11.93 13.32
C GLN B 127 -1.87 -11.97 12.86
N ARG B 128 -1.57 -11.34 11.71
CA ARG B 128 -0.20 -11.26 11.21
C ARG B 128 0.58 -10.12 11.86
N ASP B 129 0.01 -9.48 12.88
CA ASP B 129 0.66 -8.43 13.66
C ASP B 129 0.94 -7.15 12.84
N ILE B 130 0.04 -6.81 11.91
CA ILE B 130 0.13 -5.56 11.16
C ILE B 130 -0.64 -4.49 11.92
N SER B 131 0.06 -3.45 12.34
CA SER B 131 -0.57 -2.40 13.13
C SER B 131 -1.38 -1.45 12.27
N ASN B 132 -0.82 -1.00 11.16
CA ASN B 132 -1.39 0.08 10.36
C ASN B 132 -2.09 -0.52 9.15
N ILE B 133 -3.42 -0.56 9.19
CA ILE B 133 -4.26 -1.10 8.11
C ILE B 133 -4.96 0.06 7.43
N THR B 134 -4.72 0.21 6.12
CA THR B 134 -5.12 1.41 5.38
C THR B 134 -5.81 1.01 4.09
N LEU B 135 -6.41 2.00 3.44
CA LEU B 135 -6.98 1.85 2.10
C LEU B 135 -7.38 3.24 1.60
N PHE B 136 -7.68 3.32 0.30
CA PHE B 136 -8.22 4.53 -0.32
C PHE B 136 -9.62 4.21 -0.79
N ALA B 137 -10.60 5.00 -0.35
CA ALA B 137 -12.00 4.65 -0.55
C ALA B 137 -12.65 5.63 -1.52
N ASP B 138 -13.28 5.09 -2.55
CA ASP B 138 -14.16 5.90 -3.37
C ASP B 138 -15.21 6.58 -2.50
N ASN B 139 -15.59 7.80 -2.88
CA ASN B 139 -16.48 8.56 -2.02
C ASN B 139 -17.83 7.87 -1.86
N LYS B 140 -18.23 7.04 -2.82
CA LYS B 140 -19.52 6.35 -2.73
C LYS B 140 -19.46 5.08 -1.89
N VAL B 141 -18.29 4.70 -1.37
CA VAL B 141 -18.20 3.54 -0.49
C VAL B 141 -17.54 3.92 0.83
N VAL B 142 -17.31 5.21 1.06
CA VAL B 142 -16.64 5.65 2.29
C VAL B 142 -17.44 5.20 3.52
N ASP B 143 -18.77 5.31 3.44
CA ASP B 143 -19.58 4.89 4.58
C ASP B 143 -19.54 3.39 4.77
N PHE B 144 -19.34 2.63 3.70
CA PHE B 144 -19.17 1.19 3.87
C PHE B 144 -17.96 0.89 4.76
N TYR B 145 -16.87 1.61 4.57
CA TYR B 145 -15.68 1.32 5.36
C TYR B 145 -15.78 1.92 6.76
N LYS B 146 -16.37 3.11 6.88
CA LYS B 146 -16.63 3.68 8.20
C LYS B 146 -17.38 2.69 9.08
N ASN B 147 -18.38 2.01 8.51
CA ASN B 147 -19.14 0.99 9.25
C ASN B 147 -18.28 -0.17 9.75
N LEU B 148 -17.11 -0.41 9.16
CA LEU B 148 -16.26 -1.50 9.63
C LEU B 148 -15.22 -1.04 10.65
N GLY B 149 -15.17 0.25 10.94
CA GLY B 149 -14.16 0.77 11.82
C GLY B 149 -13.06 1.61 11.19
N PHE B 150 -13.15 1.91 9.89
CA PHE B 150 -12.17 2.78 9.25
C PHE B 150 -12.50 4.24 9.53
N GLU B 151 -11.45 5.06 9.62
CA GLU B 151 -11.56 6.49 9.85
C GLU B 151 -10.86 7.20 8.71
N ALA B 152 -11.54 8.16 8.09
CA ALA B 152 -10.93 9.03 7.09
C ALA B 152 -10.19 10.18 7.75
N ASP B 153 -9.08 10.58 7.13
CA ASP B 153 -8.24 11.70 7.54
C ASP B 153 -8.01 11.82 9.07
N PRO B 154 -7.52 10.76 9.72
CA PRO B 154 -7.21 10.89 11.15
C PRO B 154 -6.08 11.89 11.36
N GLN B 155 -6.31 12.83 12.27
CA GLN B 155 -5.37 13.91 12.58
C GLN B 155 -5.09 14.79 11.38
N GLY B 156 -5.98 14.75 10.39
CA GLY B 156 -5.78 15.51 9.18
C GLY B 156 -4.85 14.87 8.17
N ILE B 157 -4.49 13.59 8.34
CA ILE B 157 -3.68 12.90 7.35
C ILE B 157 -4.48 12.80 6.04
N LYS B 158 -3.81 13.00 4.91
CA LYS B 158 -4.47 13.00 3.61
C LYS B 158 -3.89 11.88 2.76
N GLY B 159 -4.76 11.12 2.11
CA GLY B 159 -4.34 10.19 1.09
C GLY B 159 -4.21 10.94 -0.23
N MET B 160 -3.09 10.72 -0.91
CA MET B 160 -2.71 11.48 -2.09
C MET B 160 -2.27 10.56 -3.22
N PHE B 161 -2.47 11.03 -4.45
CA PHE B 161 -2.12 10.29 -5.66
C PHE B 161 -1.28 11.18 -6.57
N TRP B 162 -0.31 10.59 -7.24
CA TRP B 162 0.52 11.36 -8.16
C TRP B 162 -0.23 11.52 -9.49
N TYR B 163 -0.59 12.76 -9.83
CA TYR B 163 -1.30 13.11 -11.06
C TYR B 163 -2.39 12.10 -11.41
N PRO B 164 -3.35 11.85 -10.52
CA PRO B 164 -4.38 10.86 -10.80
C PRO B 164 -5.28 11.28 -11.95
N ARG B 165 -5.78 10.28 -12.68
CA ARG B 165 -6.71 10.45 -13.80
C ARG B 165 -7.96 9.59 -13.56
N PHE B 166 -8.82 10.01 -12.63
CA PHE B 166 -10.02 9.20 -12.35
C PHE B 166 -11.26 9.84 -12.95
#